data_3KXI
#
_entry.id   3KXI
#
_cell.length_a   67.322
_cell.length_b   68.471
_cell.length_c   92.148
_cell.angle_alpha   90.00
_cell.angle_beta   90.00
_cell.angle_gamma   90.00
#
_symmetry.space_group_name_H-M   'P 21 21 21'
#
loop_
_entity.id
_entity.type
_entity.pdbx_description
1 polymer 'GTP-binding protein (HflX)'
2 non-polymer 'MAGNESIUM ION'
3 non-polymer "GUANOSINE-5'-DIPHOSPHATE"
4 non-polymer 'THIOCYANATE ION'
5 water water
#
_entity_poly.entity_id   1
_entity_poly.type   'polypeptide(L)'
_entity_poly.pdbx_seq_one_letter_code
;MKTAALFVSKEFEEEAIALVEGANYKVTSIYKLPKSPNVKFYIQYDKLQQIKNDEEISTLIIFEQLKPRHFINIRRELKG
KEVLDKILLLLEIFALHAGSKEAKMQIELARLKYELPIIKETYTKSKIGEQQGPLGAGTYGVESTIKFYKRRINKLMKEL
ESIKIFKEKSIESNKRNNIPSIGIVGYTNSGKTSLFNSLTGLTQKVDTKLFTTMSPKRYAIPINNRKIMLVDTVGFIRGI
PPQIVDAFFVTLSEAKYSDALILVIDSTFSENLLIETLQSSFEILREIGVSGKPILVTLNKIDKINGDLYKKLDLVEKLS
KELYSPIFDVIPISALKRTNLELLRDKIYQLATQLSLEHHHHHH
;
_entity_poly.pdbx_strand_id   A
#
loop_
_chem_comp.id
_chem_comp.type
_chem_comp.name
_chem_comp.formula
GDP RNA linking GUANOSINE-5'-DIPHOSPHATE 'C10 H15 N5 O11 P2'
MG non-polymer 'MAGNESIUM ION' 'Mg 2'
SCN non-polymer 'THIOCYANATE ION' 'C N S -1'
#
# COMPACT_ATOMS: atom_id res chain seq x y z
N MET A 1 3.36 3.38 16.00
CA MET A 1 3.98 2.47 16.96
C MET A 1 2.91 1.64 17.67
N LYS A 2 1.66 2.07 17.54
CA LYS A 2 0.51 1.41 18.14
C LYS A 2 0.56 -0.11 18.00
N THR A 3 0.12 -0.81 19.04
CA THR A 3 0.07 -2.27 19.00
C THR A 3 -1.31 -2.74 18.56
N ALA A 4 -1.36 -3.84 17.82
CA ALA A 4 -2.61 -4.30 17.23
C ALA A 4 -2.83 -5.79 17.39
N ALA A 5 -4.09 -6.16 17.54
CA ALA A 5 -4.49 -7.56 17.50
C ALA A 5 -5.12 -7.86 16.14
N LEU A 6 -4.46 -8.72 15.38
CA LEU A 6 -4.91 -9.03 14.02
C LEU A 6 -5.77 -10.29 13.96
N PHE A 7 -6.95 -10.15 13.36
CA PHE A 7 -7.80 -11.29 13.09
C PHE A 7 -7.88 -11.50 11.59
N VAL A 8 -7.45 -12.67 11.13
CA VAL A 8 -7.35 -12.93 9.71
C VAL A 8 -7.41 -14.43 9.42
N SER A 9 -7.74 -14.78 8.17
CA SER A 9 -7.72 -16.16 7.73
C SER A 9 -6.28 -16.55 7.40
N LYS A 10 -5.98 -17.84 7.40
CA LYS A 10 -4.67 -18.32 7.00
C LYS A 10 -4.37 -17.83 5.60
N GLU A 11 -5.39 -17.89 4.74
CA GLU A 11 -5.25 -17.50 3.34
C GLU A 11 -4.65 -16.10 3.18
N PHE A 12 -5.09 -15.16 4.00
CA PHE A 12 -4.62 -13.79 3.88
C PHE A 12 -3.79 -13.33 5.08
N GLU A 13 -3.14 -14.26 5.75
CA GLU A 13 -2.39 -13.91 6.96
C GLU A 13 -1.12 -13.10 6.68
N GLU A 14 -0.30 -13.57 5.73
CA GLU A 14 0.94 -12.87 5.44
C GLU A 14 0.59 -11.58 4.71
N GLU A 15 -0.59 -11.56 4.10
CA GLU A 15 -1.10 -10.36 3.44
C GLU A 15 -1.41 -9.27 4.48
N ALA A 16 -2.16 -9.65 5.50
CA ALA A 16 -2.59 -8.73 6.55
C ALA A 16 -1.43 -8.17 7.36
N ILE A 17 -0.47 -9.03 7.70
CA ILE A 17 0.68 -8.61 8.49
C ILE A 17 1.43 -7.49 7.78
N ALA A 18 1.68 -7.68 6.49
CA ALA A 18 2.40 -6.69 5.70
C ALA A 18 1.64 -5.37 5.68
N LEU A 19 0.33 -5.47 5.52
CA LEU A 19 -0.54 -4.30 5.43
C LEU A 19 -0.64 -3.57 6.76
N VAL A 20 -0.72 -4.34 7.84
CA VAL A 20 -0.86 -3.77 9.17
C VAL A 20 0.42 -3.02 9.56
N GLU A 21 1.57 -3.59 9.22
CA GLU A 21 2.83 -2.93 9.50
C GLU A 21 3.00 -1.73 8.57
N GLY A 22 2.43 -1.85 7.36
CA GLY A 22 2.36 -0.73 6.47
C GLY A 22 1.69 0.43 7.18
N ALA A 23 0.64 0.12 7.94
CA ALA A 23 -0.12 1.13 8.67
C ALA A 23 0.50 1.51 10.01
N ASN A 24 1.79 1.22 10.16
CA ASN A 24 2.52 1.59 11.37
C ASN A 24 1.95 0.99 12.65
N TYR A 25 1.48 -0.26 12.55
CA TYR A 25 1.06 -1.01 13.71
C TYR A 25 2.04 -2.13 14.01
N LYS A 26 2.31 -2.33 15.29
CA LYS A 26 3.06 -3.48 15.75
C LYS A 26 2.10 -4.64 16.04
N VAL A 27 2.16 -5.68 15.22
CA VAL A 27 1.28 -6.84 15.40
C VAL A 27 1.76 -7.68 16.58
N THR A 28 1.12 -7.50 17.74
CA THR A 28 1.53 -8.20 18.95
C THR A 28 0.86 -9.56 19.05
N SER A 29 -0.26 -9.73 18.34
CA SER A 29 -0.97 -10.99 18.38
C SER A 29 -1.86 -11.20 17.15
N ILE A 30 -1.87 -12.44 16.67
CA ILE A 30 -2.70 -12.79 15.52
C ILE A 30 -3.69 -13.87 15.92
N TYR A 31 -4.87 -13.85 15.30
CA TYR A 31 -5.90 -14.84 15.56
C TYR A 31 -6.58 -15.26 14.25
N LYS A 32 -6.76 -16.56 14.07
CA LYS A 32 -7.43 -17.06 12.88
C LYS A 32 -8.95 -16.83 12.94
N LEU A 33 -9.52 -16.36 11.84
CA LEU A 33 -10.98 -16.17 11.77
C LEU A 33 -11.67 -17.52 11.92
N PRO A 34 -12.91 -17.50 12.41
CA PRO A 34 -13.58 -18.71 12.88
C PRO A 34 -14.47 -19.34 11.83
N LYS A 35 -14.36 -18.93 10.57
CA LYS A 35 -15.23 -19.44 9.51
C LYS A 35 -16.62 -18.82 9.55
N SER A 36 -17.36 -19.12 10.61
CA SER A 36 -18.65 -18.49 10.84
C SER A 36 -18.51 -17.32 11.82
N PRO A 37 -18.59 -16.09 11.31
CA PRO A 37 -18.47 -14.90 12.15
C PRO A 37 -19.61 -14.74 13.16
N ASN A 38 -19.26 -14.40 14.40
CA ASN A 38 -20.23 -14.07 15.45
C ASN A 38 -21.30 -13.10 14.93
N VAL A 39 -22.56 -13.38 15.23
CA VAL A 39 -23.66 -12.57 14.74
C VAL A 39 -23.65 -11.16 15.34
N LYS A 40 -23.00 -11.03 16.49
CA LYS A 40 -22.95 -9.73 17.17
C LYS A 40 -21.59 -9.07 17.02
N PHE A 41 -20.52 -9.80 17.33
CA PHE A 41 -19.18 -9.23 17.36
C PHE A 41 -18.27 -9.71 16.23
N TYR A 42 -18.84 -10.40 15.24
CA TYR A 42 -18.09 -11.01 14.14
C TYR A 42 -17.03 -12.00 14.62
N ILE A 43 -16.08 -11.53 15.41
CA ILE A 43 -15.05 -12.40 15.96
C ILE A 43 -15.55 -13.15 17.20
N GLN A 44 -14.64 -13.86 17.87
CA GLN A 44 -15.00 -14.65 19.03
C GLN A 44 -15.18 -13.78 20.28
N TYR A 45 -16.20 -14.11 21.07
CA TYR A 45 -16.50 -13.34 22.28
C TYR A 45 -15.34 -13.42 23.26
N ASP A 46 -14.91 -14.63 23.57
CA ASP A 46 -13.82 -14.82 24.51
C ASP A 46 -12.57 -14.10 24.01
N LYS A 47 -12.27 -14.27 22.73
CA LYS A 47 -11.10 -13.66 22.13
C LYS A 47 -11.23 -12.13 22.13
N LEU A 48 -12.45 -11.64 21.89
CA LEU A 48 -12.74 -10.21 21.97
C LEU A 48 -12.54 -9.67 23.39
N GLN A 49 -12.89 -10.48 24.38
CA GLN A 49 -12.75 -10.11 25.77
C GLN A 49 -11.29 -9.94 26.19
N GLN A 50 -10.48 -10.93 25.88
CA GLN A 50 -9.05 -10.88 26.20
C GLN A 50 -8.46 -9.59 25.65
N ILE A 51 -8.93 -9.19 24.47
CA ILE A 51 -8.49 -7.96 23.83
C ILE A 51 -9.06 -6.74 24.56
N LYS A 52 -10.30 -6.84 25.02
CA LYS A 52 -10.90 -5.77 25.80
C LYS A 52 -10.07 -5.46 27.04
N ASN A 53 -9.42 -6.49 27.58
CA ASN A 53 -8.74 -6.35 28.87
C ASN A 53 -7.22 -6.35 28.79
N ASP A 54 -6.68 -6.58 27.60
CA ASP A 54 -5.23 -6.59 27.40
C ASP A 54 -4.72 -5.17 27.18
N GLU A 55 -4.23 -4.54 28.25
CA GLU A 55 -3.74 -3.17 28.19
C GLU A 55 -2.60 -2.97 27.18
N GLU A 56 -2.01 -4.09 26.74
CA GLU A 56 -0.95 -4.05 25.74
C GLU A 56 -1.48 -3.88 24.32
N ILE A 57 -2.79 -3.64 24.19
CA ILE A 57 -3.40 -3.56 22.87
C ILE A 57 -4.20 -2.26 22.68
N SER A 58 -3.73 -1.43 21.76
CA SER A 58 -4.38 -0.15 21.47
C SER A 58 -5.47 -0.30 20.42
N THR A 59 -5.30 -1.28 19.53
CA THR A 59 -6.17 -1.40 18.37
C THR A 59 -6.53 -2.85 18.04
N LEU A 60 -7.78 -3.07 17.69
CA LEU A 60 -8.25 -4.36 17.18
C LEU A 60 -8.47 -4.27 15.68
N ILE A 61 -7.74 -5.09 14.93
CA ILE A 61 -7.84 -5.08 13.48
C ILE A 61 -8.37 -6.42 12.94
N ILE A 62 -9.42 -6.34 12.14
CA ILE A 62 -10.04 -7.52 11.57
C ILE A 62 -9.93 -7.46 10.05
N PHE A 63 -9.13 -8.35 9.46
CA PHE A 63 -8.95 -8.33 8.01
C PHE A 63 -10.12 -8.94 7.26
N GLU A 64 -11.28 -8.31 7.44
CA GLU A 64 -12.49 -8.63 6.71
C GLU A 64 -13.36 -7.38 6.70
N GLN A 65 -14.50 -7.44 6.02
CA GLN A 65 -15.39 -6.28 5.96
C GLN A 65 -16.58 -6.43 6.92
N LEU A 66 -16.54 -5.71 8.03
CA LEU A 66 -17.60 -5.74 9.01
C LEU A 66 -18.79 -4.89 8.57
N LYS A 67 -19.99 -5.30 8.96
CA LYS A 67 -21.18 -4.49 8.69
C LYS A 67 -21.44 -3.56 9.86
N PRO A 68 -22.22 -2.49 9.63
CA PRO A 68 -22.48 -1.45 10.64
C PRO A 68 -22.73 -2.02 12.04
N ARG A 69 -23.61 -3.02 12.15
CA ARG A 69 -23.97 -3.56 13.45
C ARG A 69 -22.77 -4.16 14.19
N HIS A 70 -21.83 -4.72 13.44
CA HIS A 70 -20.60 -5.23 14.04
C HIS A 70 -19.80 -4.11 14.70
N PHE A 71 -19.56 -3.04 13.94
CA PHE A 71 -18.83 -1.89 14.46
C PHE A 71 -19.50 -1.36 15.73
N ILE A 72 -20.81 -1.17 15.64
CA ILE A 72 -21.59 -0.67 16.75
C ILE A 72 -21.34 -1.47 18.02
N ASN A 73 -21.45 -2.79 17.90
CA ASN A 73 -21.28 -3.68 19.04
C ASN A 73 -19.84 -3.76 19.54
N ILE A 74 -18.90 -4.01 18.64
CA ILE A 74 -17.49 -4.11 19.01
C ILE A 74 -17.01 -2.83 19.67
N ARG A 75 -17.52 -1.70 19.18
CA ARG A 75 -17.15 -0.41 19.76
C ARG A 75 -17.63 -0.27 21.20
N ARG A 76 -18.85 -0.73 21.44
CA ARG A 76 -19.42 -0.73 22.79
C ARG A 76 -18.51 -1.51 23.73
N GLU A 77 -18.22 -2.76 23.38
CA GLU A 77 -17.42 -3.64 24.23
C GLU A 77 -15.95 -3.22 24.33
N LEU A 78 -15.53 -2.30 23.48
CA LEU A 78 -14.15 -1.81 23.50
C LEU A 78 -14.10 -0.29 23.69
N LYS A 79 -14.58 0.19 24.83
CA LYS A 79 -14.53 1.62 25.11
C LYS A 79 -13.09 2.12 25.14
N GLY A 80 -12.74 2.99 24.18
CA GLY A 80 -11.41 3.56 24.14
C GLY A 80 -10.52 2.96 23.06
N LYS A 81 -10.49 1.64 22.99
CA LYS A 81 -9.69 0.94 22.00
C LYS A 81 -10.35 1.02 20.63
N GLU A 82 -9.56 1.28 19.59
CA GLU A 82 -10.12 1.42 18.25
C GLU A 82 -10.19 0.09 17.51
N VAL A 83 -11.23 -0.06 16.70
CA VAL A 83 -11.37 -1.25 15.86
C VAL A 83 -11.33 -0.89 14.36
N LEU A 84 -10.44 -1.56 13.64
CA LEU A 84 -10.31 -1.39 12.20
C LEU A 84 -10.77 -2.67 11.52
N ASP A 85 -11.63 -2.53 10.52
CA ASP A 85 -11.90 -3.66 9.61
C ASP A 85 -11.03 -3.44 8.37
N LYS A 86 -11.20 -4.27 7.35
CA LYS A 86 -10.36 -4.16 6.16
C LYS A 86 -10.40 -2.76 5.53
N ILE A 87 -11.61 -2.23 5.36
CA ILE A 87 -11.77 -0.92 4.74
C ILE A 87 -10.96 0.14 5.48
N LEU A 88 -11.25 0.30 6.77
CA LEU A 88 -10.57 1.31 7.57
C LEU A 88 -9.05 1.12 7.58
N LEU A 89 -8.61 -0.13 7.56
CA LEU A 89 -7.19 -0.44 7.54
C LEU A 89 -6.50 0.12 6.30
N LEU A 90 -7.01 -0.24 5.13
CA LEU A 90 -6.47 0.25 3.87
C LEU A 90 -6.51 1.78 3.84
N LEU A 91 -7.63 2.34 4.29
CA LEU A 91 -7.77 3.79 4.30
C LEU A 91 -6.70 4.45 5.14
N GLU A 92 -6.32 3.81 6.24
CA GLU A 92 -5.26 4.34 7.09
C GLU A 92 -3.94 4.29 6.37
N ILE A 93 -3.75 3.24 5.58
CA ILE A 93 -2.54 3.09 4.76
C ILE A 93 -2.46 4.21 3.74
N PHE A 94 -3.56 4.45 3.04
CA PHE A 94 -3.58 5.45 1.99
C PHE A 94 -3.23 6.79 2.60
N ALA A 95 -3.81 7.06 3.76
CA ALA A 95 -3.56 8.32 4.48
C ALA A 95 -2.08 8.53 4.75
N LEU A 96 -1.40 7.46 5.16
CA LEU A 96 0.04 7.49 5.40
C LEU A 96 0.88 7.81 4.16
N HIS A 97 0.32 7.57 2.98
CA HIS A 97 1.06 7.74 1.73
C HIS A 97 0.61 8.95 0.90
N ALA A 98 -0.67 9.31 1.01
CA ALA A 98 -1.23 10.40 0.21
C ALA A 98 -0.60 11.75 0.53
N GLY A 99 0.02 12.36 -0.48
CA GLY A 99 0.59 13.68 -0.34
C GLY A 99 -0.31 14.73 -0.95
N SER A 100 -1.06 14.33 -1.98
CA SER A 100 -1.91 15.27 -2.70
C SER A 100 -3.24 15.54 -1.99
N LYS A 101 -3.61 16.81 -1.92
CA LYS A 101 -4.92 17.21 -1.42
C LYS A 101 -6.03 16.39 -2.09
N GLU A 102 -5.92 16.16 -3.39
CA GLU A 102 -6.94 15.38 -4.09
C GLU A 102 -7.05 13.97 -3.52
N ALA A 103 -5.91 13.33 -3.26
CA ALA A 103 -5.88 11.99 -2.71
C ALA A 103 -6.41 12.01 -1.29
N LYS A 104 -6.03 13.04 -0.54
CA LYS A 104 -6.49 13.22 0.84
C LYS A 104 -8.01 13.38 0.89
N MET A 105 -8.55 14.12 -0.07
CA MET A 105 -9.99 14.35 -0.16
C MET A 105 -10.76 13.08 -0.51
N GLN A 106 -10.15 12.23 -1.35
CA GLN A 106 -10.76 10.95 -1.70
C GLN A 106 -10.84 10.03 -0.50
N ILE A 107 -9.86 10.15 0.39
CA ILE A 107 -9.81 9.31 1.56
C ILE A 107 -10.83 9.77 2.59
N GLU A 108 -10.90 11.09 2.78
CA GLU A 108 -11.87 11.66 3.71
C GLU A 108 -13.28 11.29 3.27
N LEU A 109 -13.58 11.56 2.00
CA LEU A 109 -14.86 11.20 1.39
C LEU A 109 -15.28 9.76 1.70
N ALA A 110 -14.38 8.82 1.45
CA ALA A 110 -14.67 7.40 1.66
C ALA A 110 -14.88 7.04 3.13
N ARG A 111 -14.10 7.65 4.02
CA ARG A 111 -14.26 7.43 5.45
C ARG A 111 -15.61 7.92 5.90
N LEU A 112 -16.01 9.08 5.40
CA LEU A 112 -17.28 9.66 5.76
C LEU A 112 -18.39 8.74 5.28
N LYS A 113 -18.30 8.33 4.02
CA LYS A 113 -19.28 7.45 3.43
C LYS A 113 -19.33 6.09 4.11
N TYR A 114 -18.25 5.73 4.80
CA TYR A 114 -18.19 4.44 5.47
C TYR A 114 -18.75 4.55 6.89
N GLU A 115 -18.67 5.75 7.46
CA GLU A 115 -19.25 6.01 8.77
C GLU A 115 -20.73 6.29 8.65
N LEU A 116 -21.07 7.03 7.61
CA LEU A 116 -22.45 7.43 7.38
C LEU A 116 -23.45 6.32 7.69
N PRO A 117 -23.23 5.11 7.13
CA PRO A 117 -24.15 3.99 7.33
C PRO A 117 -24.16 3.49 8.77
N ILE A 118 -22.97 3.39 9.36
CA ILE A 118 -22.80 2.96 10.74
C ILE A 118 -23.56 3.86 11.67
N ILE A 119 -23.55 5.15 11.35
CA ILE A 119 -24.24 6.13 12.17
C ILE A 119 -25.72 6.16 11.83
N LYS A 120 -26.04 5.98 10.55
CA LYS A 120 -27.43 5.98 10.10
C LYS A 120 -28.22 4.83 10.74
N GLU A 121 -27.57 3.68 10.89
CA GLU A 121 -28.24 2.54 11.50
C GLU A 121 -28.87 2.99 12.81
N THR A 122 -28.07 3.59 13.67
CA THR A 122 -28.62 4.29 14.84
C THR A 122 -29.50 5.43 14.34
N VAL A 142 -27.61 13.17 16.92
CA VAL A 142 -27.38 12.13 15.92
C VAL A 142 -27.86 12.56 14.53
N GLU A 143 -29.07 13.13 14.47
CA GLU A 143 -29.56 13.72 13.24
C GLU A 143 -28.61 14.82 12.83
N SER A 144 -28.25 15.65 13.80
CA SER A 144 -27.34 16.75 13.56
C SER A 144 -26.03 16.23 12.98
N THR A 145 -25.60 15.06 13.45
CA THR A 145 -24.40 14.44 12.91
C THR A 145 -24.61 13.96 11.47
N ILE A 146 -25.73 13.27 11.24
CA ILE A 146 -26.08 12.85 9.90
C ILE A 146 -26.08 14.02 8.93
N LYS A 147 -26.85 15.04 9.28
CA LYS A 147 -26.96 16.25 8.47
C LYS A 147 -25.56 16.79 8.15
N PHE A 148 -24.68 16.75 9.14
CA PHE A 148 -23.32 17.23 8.99
C PHE A 148 -22.52 16.37 8.00
N TYR A 149 -22.54 15.06 8.20
CA TYR A 149 -21.90 14.13 7.28
C TYR A 149 -22.37 14.35 5.84
N LYS A 150 -23.67 14.52 5.66
CA LYS A 150 -24.22 14.78 4.34
C LYS A 150 -23.61 16.04 3.74
N ARG A 151 -23.64 17.12 4.52
CA ARG A 151 -23.11 18.41 4.08
C ARG A 151 -21.61 18.32 3.72
N ARG A 152 -20.87 17.53 4.48
CA ARG A 152 -19.44 17.39 4.28
C ARG A 152 -19.13 16.52 3.04
N ILE A 153 -19.91 15.45 2.88
CA ILE A 153 -19.79 14.59 1.71
C ILE A 153 -20.02 15.37 0.42
N ASN A 154 -21.05 16.21 0.42
CA ASN A 154 -21.35 17.04 -0.73
C ASN A 154 -20.24 18.06 -1.01
N LYS A 155 -19.75 18.70 0.04
CA LYS A 155 -18.69 19.68 -0.12
C LYS A 155 -17.44 19.02 -0.71
N LEU A 156 -17.08 17.85 -0.18
CA LEU A 156 -15.90 17.13 -0.68
C LEU A 156 -16.06 16.75 -2.15
N MET A 157 -17.25 16.28 -2.53
CA MET A 157 -17.49 15.92 -3.92
C MET A 157 -17.37 17.14 -4.83
N LYS A 158 -17.90 18.28 -4.39
CA LYS A 158 -17.80 19.50 -5.16
C LYS A 158 -16.34 19.95 -5.29
N GLU A 159 -15.59 19.82 -4.20
CA GLU A 159 -14.16 20.11 -4.20
C GLU A 159 -13.42 19.21 -5.19
N LEU A 160 -13.67 17.91 -5.11
CA LEU A 160 -13.06 16.96 -6.03
C LEU A 160 -13.49 17.25 -7.46
N GLU A 161 -14.78 17.57 -7.62
CA GLU A 161 -15.33 17.89 -8.93
C GLU A 161 -14.62 19.07 -9.57
N SER A 162 -14.30 20.10 -8.78
CA SER A 162 -13.67 21.30 -9.31
C SER A 162 -12.18 21.07 -9.60
N ILE A 163 -11.55 20.19 -8.83
CA ILE A 163 -10.17 19.78 -9.12
C ILE A 163 -10.09 19.08 -10.47
N LYS A 164 -11.03 18.16 -10.68
CA LYS A 164 -11.15 17.47 -11.96
C LYS A 164 -11.28 18.44 -13.13
N ILE A 165 -12.12 19.45 -12.94
CA ILE A 165 -12.30 20.49 -13.96
C ILE A 165 -11.01 21.27 -14.16
N PHE A 166 -10.41 21.70 -13.05
CA PHE A 166 -9.13 22.41 -13.11
C PHE A 166 -8.11 21.65 -13.98
N LYS A 167 -8.04 20.34 -13.78
CA LYS A 167 -7.05 19.50 -14.46
C LYS A 167 -7.20 19.48 -15.97
N GLU A 168 -8.42 19.34 -16.46
CA GLU A 168 -8.68 19.31 -17.89
C GLU A 168 -8.43 20.69 -18.51
N LYS A 169 -8.67 21.74 -17.73
CA LYS A 169 -8.52 23.11 -18.22
C LYS A 169 -7.12 23.65 -17.98
N SER A 170 -6.22 22.77 -17.54
CA SER A 170 -4.83 23.17 -17.29
C SER A 170 -3.86 22.26 -18.02
N ILE A 171 -2.61 22.68 -18.09
CA ILE A 171 -1.58 21.94 -18.81
C ILE A 171 -0.75 21.10 -17.84
N GLU A 172 -0.09 20.08 -18.37
CA GLU A 172 0.77 19.21 -17.57
C GLU A 172 1.94 19.96 -16.95
N SER A 173 1.70 20.57 -15.80
CA SER A 173 2.72 21.33 -15.09
C SER A 173 3.94 20.47 -14.71
N ASN A 174 3.72 19.48 -13.85
CA ASN A 174 4.77 18.54 -13.46
C ASN A 174 6.10 19.20 -13.10
N LYS A 175 6.13 19.92 -11.98
CA LYS A 175 7.34 20.59 -11.54
C LYS A 175 8.55 19.65 -11.54
N ARG A 176 9.75 20.23 -11.47
CA ARG A 176 10.97 19.45 -11.43
C ARG A 176 11.36 19.18 -9.99
N ASN A 177 12.50 18.50 -9.81
CA ASN A 177 13.02 18.23 -8.47
C ASN A 177 14.51 18.40 -8.43
N ASN A 178 15.02 18.98 -7.35
CA ASN A 178 16.45 19.13 -7.17
C ASN A 178 17.11 17.76 -7.36
N ILE A 179 16.56 16.79 -6.66
CA ILE A 179 17.09 15.43 -6.65
C ILE A 179 16.11 14.48 -7.31
N PRO A 180 16.62 13.57 -8.15
CA PRO A 180 15.76 12.53 -8.74
C PRO A 180 15.08 11.72 -7.66
N SER A 181 13.78 11.54 -7.77
CA SER A 181 13.07 10.69 -6.82
C SER A 181 12.62 9.38 -7.48
N ILE A 182 12.97 8.28 -6.83
CA ILE A 182 12.69 6.94 -7.33
C ILE A 182 11.71 6.22 -6.41
N GLY A 183 10.49 6.02 -6.90
CA GLY A 183 9.45 5.38 -6.12
C GLY A 183 9.54 3.87 -6.18
N ILE A 184 9.45 3.25 -5.01
CA ILE A 184 9.46 1.79 -4.93
C ILE A 184 8.03 1.28 -4.93
N VAL A 185 7.71 0.49 -5.95
CA VAL A 185 6.35 -0.01 -6.15
C VAL A 185 6.34 -1.54 -6.21
N GLY A 186 5.15 -2.11 -6.14
CA GLY A 186 4.99 -3.55 -6.08
C GLY A 186 3.86 -3.98 -5.15
N TYR A 187 3.44 -5.23 -5.30
CA TYR A 187 2.37 -5.77 -4.47
C TYR A 187 2.76 -5.85 -3.01
N THR A 188 1.75 -5.95 -2.16
CA THR A 188 2.00 -6.04 -0.73
C THR A 188 2.66 -7.36 -0.42
N ASN A 189 3.60 -7.32 0.51
CA ASN A 189 4.39 -8.49 0.88
C ASN A 189 5.41 -8.87 -0.20
N SER A 190 5.57 -8.02 -1.21
CA SER A 190 6.59 -8.23 -2.23
C SER A 190 7.96 -7.80 -1.72
N GLY A 191 7.96 -6.87 -0.76
CA GLY A 191 9.19 -6.41 -0.14
C GLY A 191 9.47 -4.92 -0.33
N LYS A 192 8.46 -4.16 -0.75
CA LYS A 192 8.62 -2.73 -0.98
C LYS A 192 9.32 -2.06 0.20
N THR A 193 8.72 -2.21 1.37
CA THR A 193 9.23 -1.59 2.57
C THR A 193 10.63 -2.12 2.90
N SER A 194 10.76 -3.43 2.98
CA SER A 194 12.06 -4.04 3.28
C SER A 194 13.15 -3.40 2.44
N LEU A 195 12.87 -3.22 1.15
CA LEU A 195 13.85 -2.67 0.24
C LEU A 195 14.16 -1.21 0.54
N PHE A 196 13.12 -0.40 0.65
CA PHE A 196 13.28 1.00 1.04
C PHE A 196 14.14 1.09 2.29
N ASN A 197 13.85 0.23 3.25
CA ASN A 197 14.60 0.21 4.51
C ASN A 197 16.08 -0.12 4.35
N SER A 198 16.40 -1.21 3.68
CA SER A 198 17.79 -1.59 3.52
C SER A 198 18.56 -0.59 2.65
N LEU A 199 17.84 0.06 1.74
CA LEU A 199 18.43 1.09 0.89
C LEU A 199 18.70 2.40 1.64
N THR A 200 17.86 2.70 2.62
CA THR A 200 18.00 3.94 3.37
C THR A 200 18.56 3.65 4.76
N GLY A 201 19.05 2.43 4.95
CA GLY A 201 19.53 1.99 6.25
C GLY A 201 18.74 2.57 7.40
N LEU A 202 17.46 2.20 7.52
CA LEU A 202 16.61 2.68 8.61
C LEU A 202 16.25 1.57 9.61
N THR A 203 15.06 1.01 9.47
CA THR A 203 14.61 -0.13 10.29
C THR A 203 13.29 -0.68 9.75
N PRO A 216 10.05 7.82 7.78
CA PRO A 216 9.43 6.89 6.83
C PRO A 216 8.85 7.55 5.59
N LYS A 217 8.33 6.74 4.66
CA LYS A 217 7.65 7.22 3.46
C LYS A 217 8.62 7.74 2.38
N ARG A 218 9.42 8.73 2.73
CA ARG A 218 10.27 9.40 1.77
C ARG A 218 11.63 9.69 2.42
N TYR A 219 12.72 9.42 1.70
CA TYR A 219 14.04 9.58 2.26
C TYR A 219 15.12 9.73 1.19
N ALA A 220 15.93 10.77 1.31
CA ALA A 220 17.01 11.00 0.36
C ALA A 220 18.34 10.38 0.82
N ILE A 221 18.93 9.56 -0.04
CA ILE A 221 20.16 8.85 0.28
C ILE A 221 21.29 9.16 -0.71
N PRO A 222 22.52 9.26 -0.20
CA PRO A 222 23.68 9.57 -1.04
C PRO A 222 24.34 8.32 -1.62
N ILE A 223 24.23 8.12 -2.93
CA ILE A 223 24.99 7.07 -3.61
C ILE A 223 26.10 7.72 -4.43
N ASN A 224 27.34 7.46 -4.04
CA ASN A 224 28.50 8.15 -4.59
C ASN A 224 28.45 9.65 -4.37
N ASN A 225 28.63 10.41 -5.44
CA ASN A 225 28.65 11.86 -5.37
C ASN A 225 27.31 12.47 -5.72
N ARG A 226 26.29 11.62 -5.82
CA ARG A 226 24.96 12.09 -6.17
C ARG A 226 23.90 11.60 -5.19
N LYS A 227 23.00 12.51 -4.82
CA LYS A 227 21.94 12.22 -3.86
C LYS A 227 20.64 11.87 -4.57
N ILE A 228 19.86 10.99 -3.95
CA ILE A 228 18.68 10.42 -4.60
C ILE A 228 17.53 10.30 -3.60
N MET A 229 16.38 10.85 -3.95
CA MET A 229 15.20 10.74 -3.09
C MET A 229 14.46 9.42 -3.29
N LEU A 230 14.31 8.65 -2.21
CA LEU A 230 13.58 7.40 -2.27
C LEU A 230 12.19 7.53 -1.66
N VAL A 231 11.23 6.82 -2.25
CA VAL A 231 9.86 6.85 -1.78
C VAL A 231 9.35 5.43 -1.58
N ASP A 232 9.00 5.07 -0.35
CA ASP A 232 8.22 3.87 -0.17
C ASP A 232 6.78 4.23 -0.55
N THR A 233 6.35 3.68 -1.67
CA THR A 233 5.06 4.03 -2.24
C THR A 233 4.00 3.11 -1.63
N VAL A 234 2.73 3.48 -1.80
CA VAL A 234 1.63 2.56 -1.50
C VAL A 234 1.69 1.42 -2.53
N GLY A 235 1.51 0.19 -2.08
CA GLY A 235 1.71 -0.92 -2.99
C GLY A 235 0.58 -1.08 -4.01
N PHE A 236 0.68 -2.17 -4.77
CA PHE A 236 -0.47 -2.71 -5.46
C PHE A 236 -1.20 -3.52 -4.41
N ILE A 237 -2.53 -3.43 -4.39
CA ILE A 237 -3.30 -4.03 -3.32
C ILE A 237 -4.30 -5.00 -3.90
N ARG A 238 -4.39 -6.18 -3.31
CA ARG A 238 -5.32 -7.20 -3.79
C ARG A 238 -6.72 -6.99 -3.22
N GLY A 239 -7.72 -7.31 -4.03
CA GLY A 239 -9.10 -7.28 -3.60
C GLY A 239 -9.47 -5.99 -2.90
N ILE A 240 -9.24 -4.87 -3.57
CA ILE A 240 -9.61 -3.57 -3.06
C ILE A 240 -11.12 -3.39 -3.15
N PRO A 241 -11.77 -3.11 -2.00
CA PRO A 241 -13.22 -2.92 -1.99
C PRO A 241 -13.63 -1.70 -2.80
N PRO A 242 -14.69 -1.86 -3.61
CA PRO A 242 -15.30 -0.80 -4.43
C PRO A 242 -15.33 0.55 -3.72
N GLN A 243 -15.83 0.57 -2.49
CA GLN A 243 -15.93 1.80 -1.71
C GLN A 243 -14.70 2.71 -1.84
N ILE A 244 -13.50 2.12 -1.80
CA ILE A 244 -12.28 2.91 -1.68
C ILE A 244 -11.32 2.78 -2.86
N VAL A 245 -11.84 2.36 -4.02
CA VAL A 245 -11.01 2.25 -5.21
C VAL A 245 -10.52 3.62 -5.66
N ASP A 246 -11.42 4.60 -5.67
CA ASP A 246 -11.05 5.97 -6.03
C ASP A 246 -9.93 6.48 -5.14
N ALA A 247 -10.08 6.32 -3.84
CA ALA A 247 -9.06 6.72 -2.88
C ALA A 247 -7.73 6.01 -3.21
N PHE A 248 -7.80 4.70 -3.48
CA PHE A 248 -6.60 3.96 -3.83
C PHE A 248 -5.95 4.46 -5.13
N PHE A 249 -6.74 4.56 -6.20
CA PHE A 249 -6.23 4.97 -7.49
C PHE A 249 -5.48 6.29 -7.41
N VAL A 250 -6.11 7.29 -6.79
CA VAL A 250 -5.53 8.63 -6.69
C VAL A 250 -4.26 8.64 -5.84
N THR A 251 -4.28 7.87 -4.74
CA THR A 251 -3.10 7.73 -3.89
C THR A 251 -1.94 7.11 -4.67
N LEU A 252 -2.21 5.99 -5.30
CA LEU A 252 -1.20 5.31 -6.11
C LEU A 252 -0.68 6.19 -7.24
N SER A 253 -1.58 6.92 -7.89
CA SER A 253 -1.23 7.73 -9.06
C SER A 253 -0.17 8.77 -8.75
N GLU A 254 0.05 9.06 -7.47
CA GLU A 254 1.06 10.04 -7.09
C GLU A 254 2.45 9.55 -7.46
N ALA A 255 2.58 8.24 -7.65
CA ALA A 255 3.83 7.63 -8.06
C ALA A 255 4.27 8.13 -9.44
N LYS A 256 3.30 8.55 -10.25
CA LYS A 256 3.58 8.96 -11.62
C LYS A 256 4.49 10.19 -11.70
N TYR A 257 4.57 10.95 -10.61
CA TYR A 257 5.41 12.14 -10.60
C TYR A 257 6.83 11.80 -10.16
N SER A 258 7.13 10.51 -10.12
CA SER A 258 8.49 10.06 -9.84
C SER A 258 9.31 10.12 -11.11
N ASP A 259 10.63 10.18 -10.97
CA ASP A 259 11.53 10.20 -12.11
C ASP A 259 11.79 8.78 -12.60
N ALA A 260 11.95 7.86 -11.67
CA ALA A 260 12.05 6.44 -11.99
C ALA A 260 11.24 5.62 -10.98
N LEU A 261 11.04 4.34 -11.30
CA LEU A 261 10.36 3.44 -10.40
C LEU A 261 11.09 2.10 -10.30
N ILE A 262 11.28 1.64 -9.07
CA ILE A 262 11.77 0.29 -8.84
C ILE A 262 10.60 -0.63 -8.56
N LEU A 263 10.35 -1.56 -9.47
CA LEU A 263 9.27 -2.54 -9.29
C LEU A 263 9.78 -3.76 -8.56
N VAL A 264 9.23 -4.02 -7.37
CA VAL A 264 9.63 -5.18 -6.59
C VAL A 264 8.71 -6.37 -6.90
N ILE A 265 9.30 -7.57 -6.99
CA ILE A 265 8.55 -8.77 -7.35
C ILE A 265 8.93 -9.96 -6.47
N ASP A 266 7.94 -10.75 -6.08
CA ASP A 266 8.15 -11.87 -5.17
C ASP A 266 8.60 -13.12 -5.93
N SER A 267 9.90 -13.39 -5.89
CA SER A 267 10.45 -14.53 -6.64
C SER A 267 9.86 -15.87 -6.18
N THR A 268 9.26 -15.90 -4.99
CA THR A 268 8.73 -17.15 -4.44
C THR A 268 7.39 -17.56 -5.06
N PHE A 269 6.89 -16.76 -6.01
CA PHE A 269 5.72 -17.13 -6.79
C PHE A 269 6.04 -18.21 -7.82
N SER A 270 5.13 -19.18 -7.97
CA SER A 270 5.25 -20.14 -9.07
C SER A 270 5.11 -19.38 -10.38
N GLU A 271 5.64 -19.93 -11.46
CA GLU A 271 5.65 -19.23 -12.74
C GLU A 271 4.29 -18.65 -13.13
N ASN A 272 3.23 -19.41 -12.90
CA ASN A 272 1.89 -18.93 -13.20
C ASN A 272 1.55 -17.65 -12.44
N LEU A 273 1.68 -17.68 -11.12
CA LEU A 273 1.45 -16.49 -10.31
C LEU A 273 2.45 -15.37 -10.63
N LEU A 274 3.66 -15.77 -10.98
CA LEU A 274 4.68 -14.82 -11.40
C LEU A 274 4.22 -14.06 -12.64
N ILE A 275 3.63 -14.77 -13.59
CA ILE A 275 3.09 -14.15 -14.79
C ILE A 275 1.94 -13.20 -14.43
N GLU A 276 1.05 -13.65 -13.55
CA GLU A 276 -0.03 -12.78 -13.06
C GLU A 276 0.49 -11.45 -12.50
N THR A 277 1.48 -11.53 -11.63
CA THR A 277 2.00 -10.33 -10.97
C THR A 277 2.54 -9.33 -11.98
N LEU A 278 3.36 -9.82 -12.91
CA LEU A 278 3.95 -8.96 -13.93
C LEU A 278 2.86 -8.31 -14.77
N GLN A 279 1.95 -9.14 -15.29
CA GLN A 279 0.82 -8.65 -16.05
C GLN A 279 0.05 -7.59 -15.26
N SER A 280 -0.30 -7.90 -14.02
CA SER A 280 -1.07 -6.99 -13.19
C SER A 280 -0.32 -5.70 -12.90
N SER A 281 0.98 -5.82 -12.67
CA SER A 281 1.79 -4.67 -12.26
C SER A 281 1.82 -3.63 -13.35
N PHE A 282 2.09 -4.08 -14.57
CA PHE A 282 2.21 -3.16 -15.68
C PHE A 282 0.84 -2.70 -16.17
N GLU A 283 -0.17 -3.50 -15.87
CA GLU A 283 -1.53 -3.09 -16.15
C GLU A 283 -1.88 -1.87 -15.29
N ILE A 284 -1.64 -1.98 -14.00
CA ILE A 284 -1.91 -0.89 -13.07
C ILE A 284 -1.07 0.32 -13.42
N LEU A 285 0.19 0.10 -13.75
CA LEU A 285 1.11 1.19 -14.06
C LEU A 285 0.65 1.99 -15.28
N ARG A 286 0.21 1.29 -16.32
CA ARG A 286 -0.33 1.94 -17.50
C ARG A 286 -1.64 2.62 -17.10
N GLU A 287 -2.39 1.96 -16.22
CA GLU A 287 -3.64 2.48 -15.71
C GLU A 287 -3.48 3.87 -15.10
N ILE A 288 -2.52 4.00 -14.18
CA ILE A 288 -2.34 5.23 -13.44
C ILE A 288 -1.50 6.24 -14.22
N GLY A 289 -1.24 5.92 -15.49
CA GLY A 289 -0.55 6.85 -16.36
C GLY A 289 0.96 6.94 -16.19
N VAL A 290 1.59 5.80 -15.96
CA VAL A 290 3.05 5.74 -16.01
C VAL A 290 3.47 5.41 -17.45
N SER A 291 4.30 6.27 -18.03
CA SER A 291 4.75 6.11 -19.40
C SER A 291 6.14 6.69 -19.58
N GLY A 292 6.95 6.05 -20.42
CA GLY A 292 8.28 6.55 -20.74
C GLY A 292 9.14 6.81 -19.52
N LYS A 293 8.82 6.12 -18.42
CA LYS A 293 9.58 6.26 -17.19
C LYS A 293 10.46 5.02 -17.01
N PRO A 294 11.76 5.24 -16.74
CA PRO A 294 12.66 4.11 -16.57
C PRO A 294 12.20 3.26 -15.40
N ILE A 295 12.14 1.94 -15.61
CA ILE A 295 11.75 1.04 -14.55
C ILE A 295 12.79 -0.03 -14.31
N LEU A 296 13.39 0.00 -13.13
CA LEU A 296 14.29 -1.06 -12.67
C LEU A 296 13.52 -2.17 -11.95
N VAL A 297 13.35 -3.30 -12.62
CA VAL A 297 12.66 -4.44 -12.02
C VAL A 297 13.55 -5.28 -11.10
N THR A 298 13.13 -5.44 -9.84
CA THR A 298 13.88 -6.24 -8.89
C THR A 298 13.10 -7.47 -8.46
N LEU A 299 13.65 -8.65 -8.75
CA LEU A 299 13.08 -9.91 -8.32
C LEU A 299 13.63 -10.24 -6.93
N ASN A 300 12.78 -10.01 -5.92
CA ASN A 300 13.18 -10.04 -4.51
C ASN A 300 12.81 -11.35 -3.81
N LYS A 301 13.53 -11.63 -2.72
CA LYS A 301 13.31 -12.79 -1.86
C LYS A 301 14.05 -14.05 -2.35
N ILE A 302 15.12 -13.83 -3.09
CA ILE A 302 15.89 -14.92 -3.69
C ILE A 302 16.62 -15.79 -2.66
N ASP A 303 16.65 -15.36 -1.41
CA ASP A 303 17.25 -16.16 -0.35
C ASP A 303 16.35 -17.34 -0.01
N LYS A 304 15.11 -17.29 -0.48
CA LYS A 304 14.19 -18.42 -0.37
C LYS A 304 14.37 -19.26 -1.62
N ILE A 305 15.58 -19.81 -1.74
CA ILE A 305 16.01 -20.59 -2.90
C ILE A 305 15.25 -21.91 -3.05
N ASN A 306 14.58 -22.06 -4.18
CA ASN A 306 13.98 -23.33 -4.54
C ASN A 306 14.72 -23.98 -5.71
N GLY A 307 15.83 -23.36 -6.11
CA GLY A 307 16.59 -23.80 -7.26
C GLY A 307 16.09 -23.26 -8.60
N ASP A 308 15.14 -22.31 -8.56
CA ASP A 308 14.49 -21.84 -9.77
C ASP A 308 14.84 -20.40 -10.17
N LEU A 309 15.91 -19.85 -9.63
CA LEU A 309 16.32 -18.47 -9.92
C LEU A 309 16.40 -18.14 -11.41
N TYR A 310 17.36 -18.75 -12.11
CA TYR A 310 17.56 -18.52 -13.55
C TYR A 310 16.25 -18.51 -14.32
N LYS A 311 15.47 -19.57 -14.15
CA LYS A 311 14.19 -19.74 -14.80
C LYS A 311 13.28 -18.52 -14.57
N LYS A 312 13.06 -18.19 -13.30
CA LYS A 312 12.20 -17.08 -12.93
C LYS A 312 12.78 -15.75 -13.36
N LEU A 313 14.10 -15.62 -13.26
CA LEU A 313 14.77 -14.36 -13.62
C LEU A 313 14.64 -14.07 -15.11
N ASP A 314 14.79 -15.11 -15.93
CA ASP A 314 14.64 -14.93 -17.37
C ASP A 314 13.18 -14.68 -17.75
N LEU A 315 12.27 -15.33 -17.04
CA LEU A 315 10.84 -15.18 -17.26
C LEU A 315 10.44 -13.73 -17.01
N VAL A 316 10.79 -13.23 -15.83
CA VAL A 316 10.49 -11.85 -15.47
C VAL A 316 11.09 -10.86 -16.46
N GLU A 317 12.34 -11.10 -16.87
CA GLU A 317 12.99 -10.16 -17.77
C GLU A 317 12.35 -10.13 -19.16
N LYS A 318 12.11 -11.31 -19.74
CA LYS A 318 11.49 -11.39 -21.05
C LYS A 318 10.14 -10.69 -21.07
N LEU A 319 9.31 -11.02 -20.08
CA LEU A 319 7.93 -10.56 -20.03
C LEU A 319 7.84 -9.06 -19.76
N SER A 320 8.74 -8.55 -18.93
CA SER A 320 8.82 -7.12 -18.66
C SER A 320 9.12 -6.35 -19.94
N LYS A 321 10.17 -6.75 -20.64
CA LYS A 321 10.48 -6.18 -21.95
C LYS A 321 9.25 -6.16 -22.86
N GLU A 322 8.53 -7.27 -22.91
CA GLU A 322 7.36 -7.39 -23.77
C GLU A 322 6.23 -6.44 -23.37
N LEU A 323 6.09 -6.19 -22.08
CA LEU A 323 4.95 -5.43 -21.56
C LEU A 323 5.18 -3.92 -21.49
N TYR A 324 6.41 -3.50 -21.25
CA TYR A 324 6.69 -2.10 -21.01
C TYR A 324 8.04 -1.64 -21.53
N SER A 325 8.17 -0.33 -21.71
CA SER A 325 9.43 0.30 -22.07
C SER A 325 9.35 1.75 -21.61
N PRO A 326 10.46 2.29 -21.06
CA PRO A 326 11.78 1.65 -21.00
C PRO A 326 11.97 0.82 -19.75
N ILE A 327 12.39 -0.42 -19.90
CA ILE A 327 12.88 -1.20 -18.77
C ILE A 327 14.37 -0.91 -18.60
N PHE A 328 14.72 -0.21 -17.53
CA PHE A 328 16.11 0.10 -17.22
C PHE A 328 16.97 -1.16 -17.03
N ASP A 329 16.54 -2.02 -16.10
CA ASP A 329 17.19 -3.32 -15.92
C ASP A 329 16.31 -4.26 -15.09
N VAL A 330 16.60 -5.56 -15.18
CA VAL A 330 15.96 -6.57 -14.33
C VAL A 330 17.03 -7.28 -13.50
N ILE A 331 16.84 -7.30 -12.19
CA ILE A 331 17.88 -7.77 -11.28
C ILE A 331 17.32 -8.59 -10.13
N PRO A 332 17.97 -9.74 -9.82
CA PRO A 332 17.63 -10.58 -8.68
C PRO A 332 18.16 -9.94 -7.40
N ILE A 333 17.37 -9.98 -6.32
CA ILE A 333 17.80 -9.38 -5.08
C ILE A 333 17.24 -10.10 -3.85
N SER A 334 17.80 -9.79 -2.69
CA SER A 334 17.22 -10.21 -1.42
C SER A 334 17.26 -9.04 -0.45
N ALA A 335 16.16 -8.27 -0.40
CA ALA A 335 16.06 -7.10 0.47
C ALA A 335 16.37 -7.48 1.92
N LEU A 336 15.91 -8.66 2.31
CA LEU A 336 16.13 -9.20 3.64
C LEU A 336 17.62 -9.44 3.90
N LYS A 337 18.22 -10.30 3.08
CA LYS A 337 19.63 -10.70 3.25
C LYS A 337 20.65 -9.73 2.63
N ARG A 338 20.17 -8.78 1.84
CA ARG A 338 21.05 -7.75 1.27
C ARG A 338 22.13 -8.35 0.37
N THR A 339 21.79 -9.42 -0.33
CA THR A 339 22.75 -10.25 -1.03
C THR A 339 23.34 -9.61 -2.29
N ASN A 340 22.54 -8.81 -2.98
CA ASN A 340 22.97 -8.21 -4.23
C ASN A 340 22.80 -6.69 -4.16
N LEU A 341 23.15 -6.12 -3.01
CA LEU A 341 22.91 -4.70 -2.71
C LEU A 341 23.84 -3.74 -3.44
N GLU A 342 25.12 -4.11 -3.50
CA GLU A 342 26.10 -3.28 -4.18
C GLU A 342 25.68 -3.02 -5.62
N LEU A 343 25.37 -4.08 -6.35
CA LEU A 343 24.95 -3.97 -7.74
C LEU A 343 23.66 -3.15 -7.88
N LEU A 344 22.71 -3.38 -6.97
CA LEU A 344 21.48 -2.60 -6.97
C LEU A 344 21.79 -1.10 -6.87
N ARG A 345 22.61 -0.73 -5.89
CA ARG A 345 23.04 0.66 -5.71
C ARG A 345 23.75 1.20 -6.97
N ASP A 346 24.44 0.31 -7.68
CA ASP A 346 25.08 0.66 -8.94
C ASP A 346 24.06 0.97 -10.03
N LYS A 347 23.10 0.06 -10.22
CA LYS A 347 22.01 0.29 -11.16
C LYS A 347 21.26 1.58 -10.82
N ILE A 348 20.91 1.73 -9.55
CA ILE A 348 20.25 2.93 -9.07
C ILE A 348 21.12 4.16 -9.32
N TYR A 349 22.42 4.03 -9.09
CA TYR A 349 23.31 5.15 -9.36
C TYR A 349 23.32 5.49 -10.85
N GLN A 350 23.60 4.50 -11.68
CA GLN A 350 23.59 4.66 -13.12
C GLN A 350 22.28 5.29 -13.60
N LEU A 351 21.17 4.76 -13.10
CA LEU A 351 19.85 5.31 -13.37
C LEU A 351 19.77 6.79 -12.97
N ALA A 352 20.23 7.10 -11.76
CA ALA A 352 20.22 8.47 -11.25
C ALA A 352 21.08 9.38 -12.12
N THR A 353 22.31 8.95 -12.37
CA THR A 353 23.21 9.65 -13.27
C THR A 353 22.53 9.92 -14.62
N GLN A 354 21.82 8.90 -15.11
CA GLN A 354 21.06 9.02 -16.35
C GLN A 354 20.03 10.15 -16.27
N LEU A 355 19.40 10.28 -15.11
CA LEU A 355 18.32 11.25 -14.92
C LEU A 355 18.82 12.60 -14.39
N SER A 356 20.12 12.70 -14.14
CA SER A 356 20.67 13.93 -13.57
C SER A 356 20.77 15.04 -14.60
N LEU A 357 20.54 14.70 -15.87
CA LEU A 357 20.61 15.67 -16.95
C LEU A 357 19.28 15.87 -17.69
MG MG B . 4.41 -1.72 3.01
PB GDP C . 5.71 -4.89 1.16
O1B GDP C . 4.30 -5.01 1.66
O2B GDP C . 5.73 -5.02 -0.34
O3B GDP C . 6.29 -3.55 1.52
O3A GDP C . 6.60 -6.06 1.81
PA GDP C . 7.35 -5.93 3.23
O1A GDP C . 8.55 -5.02 3.13
O2A GDP C . 6.38 -5.46 4.29
O5' GDP C . 7.81 -7.45 3.45
C5' GDP C . 6.82 -8.50 3.40
C4' GDP C . 7.40 -9.69 4.14
O4' GDP C . 8.39 -10.33 3.33
C3' GDP C . 8.11 -9.13 5.35
O3' GDP C . 7.69 -9.84 6.52
C2' GDP C . 9.59 -9.34 5.08
O2' GDP C . 10.27 -9.76 6.27
C1' GDP C . 9.64 -10.41 4.01
N9 GDP C . 10.74 -10.12 3.05
C8 GDP C . 10.94 -8.95 2.42
N7 GDP C . 12.02 -9.00 1.62
C5 GDP C . 12.54 -10.24 1.71
C6 GDP C . 13.68 -10.97 1.11
O6 GDP C . 14.45 -10.42 0.30
N1 GDP C . 13.84 -12.25 1.49
C2 GDP C . 13.03 -12.88 2.36
N2 GDP C . 13.28 -14.17 2.68
N3 GDP C . 11.97 -12.26 2.94
C4 GDP C . 11.68 -10.97 2.66
S SCN D . 19.76 -7.49 -2.75
C SCN D . 19.22 -5.95 -1.97
N SCN D . 18.87 -4.96 -1.44
#